data_8JK3
#
_entry.id   8JK3
#
_cell.length_a   121.192
_cell.length_b   121.192
_cell.length_c   72.128
_cell.angle_alpha   90.000
_cell.angle_beta   90.000
_cell.angle_gamma   120.000
#
_symmetry.space_group_name_H-M   'P 65'
#
loop_
_entity.id
_entity.type
_entity.pdbx_description
1 polymer Beta-lactamase
2 non-polymer 1,2-ETHANEDIOL
3 non-polymer 'TRIETHYLENE GLYCOL'
4 non-polymer 'ISOPROPYL ALCOHOL'
5 non-polymer 'ACETATE ION'
6 non-polymer 'CHLORIDE ION'
7 non-polymer 'MAGNESIUM ION'
8 water water
#
_entity_poly.entity_id   1
_entity_poly.type   'polypeptide(L)'
_entity_poly.pdbx_seq_one_letter_code
;QADFEHAISDLEAHNQAKIGVALVSENGNLIQGYRANERFAMCSTFKLPLAALVLSRIDAGEENPERKLHYDSAFLEEYA
PAAKRYVATGYMTVTEAIQSALQLSDNAAANLLLKEVGGPPLLTKYFRSLGDKVSRLDRIEPTLNTNTPGDERDTTTPMS
MAQTVSKLIFGDTLTYKSKGQLRRLLIGNQTGDKTIRAGLPDSWVTGDKTGSCANGGRNDVAFFITTAGKKYVLSVYTNA
PELQGEERALLIASVAKLARQYVVHAH
;
_entity_poly.pdbx_strand_id   A,B
#
loop_
_chem_comp.id
_chem_comp.type
_chem_comp.name
_chem_comp.formula
ACT non-polymer 'ACETATE ION' 'C2 H3 O2 -1'
CL non-polymer 'CHLORIDE ION' 'Cl -1'
EDO non-polymer 1,2-ETHANEDIOL 'C2 H6 O2'
IPA non-polymer 'ISOPROPYL ALCOHOL' 'C3 H8 O'
MG non-polymer 'MAGNESIUM ION' 'Mg 2'
PGE non-polymer 'TRIETHYLENE GLYCOL' 'C6 H14 O4'
#
# COMPACT_ATOMS: atom_id res chain seq x y z
N GLN A 1 38.24 0.06 -0.88
CA GLN A 1 37.98 -0.39 0.52
C GLN A 1 38.25 0.76 1.48
N ALA A 2 39.52 1.24 1.43
CA ALA A 2 40.03 2.42 2.14
C ALA A 2 39.14 3.63 1.85
N ASP A 3 38.88 3.85 0.55
CA ASP A 3 38.07 4.93 0.00
C ASP A 3 36.63 4.83 0.49
N PHE A 4 36.01 3.63 0.44
CA PHE A 4 34.61 3.47 0.83
C PHE A 4 34.49 3.81 2.32
N GLU A 5 35.37 3.24 3.15
CA GLU A 5 35.39 3.52 4.59
C GLU A 5 35.56 5.03 4.89
N HIS A 6 36.50 5.71 4.23
CA HIS A 6 36.75 7.13 4.51
C HIS A 6 35.48 7.93 4.11
N ALA A 7 34.79 7.49 3.04
CA ALA A 7 33.56 8.17 2.60
C ALA A 7 32.45 8.06 3.65
N ILE A 8 32.28 6.87 4.23
CA ILE A 8 31.27 6.71 5.25
C ILE A 8 31.67 7.52 6.49
N SER A 9 32.94 7.44 6.91
CA SER A 9 33.41 8.24 8.04
C SER A 9 33.10 9.74 7.88
N ASP A 10 33.30 10.25 6.67
CA ASP A 10 33.03 11.66 6.40
C ASP A 10 31.55 11.94 6.58
N LEU A 11 30.69 10.97 6.14
CA LEU A 11 29.26 11.13 6.32
C LEU A 11 28.91 11.12 7.80
N GLU A 12 29.60 10.32 8.62
CA GLU A 12 29.34 10.33 10.05
C GLU A 12 29.60 11.72 10.64
N ALA A 13 30.79 12.24 10.40
CA ALA A 13 31.23 13.52 10.94
C ALA A 13 30.33 14.68 10.45
N HIS A 14 30.07 14.74 9.13
CA HIS A 14 29.24 15.81 8.60
C HIS A 14 27.88 15.79 9.28
N ASN A 15 27.34 14.59 9.61
CA ASN A 15 25.97 14.52 10.12
C ASN A 15 25.89 14.20 11.62
N GLN A 16 27.04 14.10 12.31
CA GLN A 16 27.04 13.76 13.73
C GLN A 16 26.27 12.48 13.90
N ALA A 17 26.61 11.49 13.08
CA ALA A 17 25.81 10.30 13.01
C ALA A 17 26.72 9.11 13.26
N LYS A 18 26.07 7.97 13.51
CA LYS A 18 26.74 6.69 13.46
C LYS A 18 26.14 5.87 12.32
N ILE A 19 26.99 5.32 11.46
CA ILE A 19 26.53 4.58 10.33
C ILE A 19 27.20 3.22 10.36
N GLY A 20 26.39 2.18 10.18
CA GLY A 20 26.88 0.85 9.92
C GLY A 20 26.41 0.34 8.57
N VAL A 21 27.31 -0.25 7.79
CA VAL A 21 26.88 -0.65 6.45
C VAL A 21 27.63 -1.93 6.08
N ALA A 22 26.93 -2.82 5.38
CA ALA A 22 27.50 -3.96 4.74
C ALA A 22 26.91 -4.14 3.34
N LEU A 23 27.82 -4.28 2.37
CA LEU A 23 27.44 -4.70 1.02
C LEU A 23 28.01 -6.09 0.86
N VAL A 24 27.12 -7.04 0.58
CA VAL A 24 27.49 -8.42 0.38
C VAL A 24 27.06 -8.92 -0.98
N SER A 25 27.73 -9.99 -1.39
CA SER A 25 27.46 -10.68 -2.64
C SER A 25 26.31 -11.64 -2.44
N GLU A 26 25.89 -12.26 -3.54
CA GLU A 26 24.82 -13.24 -3.55
C GLU A 26 25.06 -14.33 -2.52
N ASN A 27 26.33 -14.66 -2.28
CA ASN A 27 26.71 -15.77 -1.42
C ASN A 27 27.02 -15.31 0.00
N GLY A 28 26.81 -14.05 0.29
CA GLY A 28 27.01 -13.49 1.62
C GLY A 28 28.41 -12.95 1.92
N ASN A 29 29.30 -12.94 0.94
CA ASN A 29 30.65 -12.45 1.17
C ASN A 29 30.63 -10.95 1.25
N LEU A 30 31.38 -10.40 2.21
CA LEU A 30 31.50 -8.98 2.40
C LEU A 30 32.31 -8.42 1.25
N ILE A 31 31.71 -7.45 0.59
CA ILE A 31 32.37 -6.75 -0.51
C ILE A 31 32.93 -5.43 0.02
N GLN A 32 32.09 -4.70 0.77
CA GLN A 32 32.49 -3.46 1.41
C GLN A 32 31.68 -3.28 2.68
N GLY A 33 32.34 -2.80 3.75
CA GLY A 33 31.63 -2.56 4.98
C GLY A 33 32.22 -1.43 5.79
N TYR A 34 31.46 -0.93 6.77
CA TYR A 34 31.88 0.09 7.71
C TYR A 34 31.07 -0.10 8.98
N ARG A 35 31.76 -0.35 10.11
CA ARG A 35 31.12 -0.77 11.35
C ARG A 35 30.21 -1.97 11.11
N ALA A 36 30.61 -2.84 10.21
CA ALA A 36 29.73 -3.90 9.75
C ALA A 36 29.40 -4.90 10.83
N ASN A 37 30.27 -5.02 11.84
CA ASN A 37 30.04 -5.92 12.93
C ASN A 37 29.62 -5.26 14.24
N GLU A 38 29.30 -3.97 14.20
CA GLU A 38 28.71 -3.26 15.37
C GLU A 38 27.20 -3.53 15.46
N ARG A 39 26.69 -3.56 16.70
CA ARG A 39 25.28 -3.79 16.96
C ARG A 39 24.48 -2.52 16.78
N PHE A 40 23.38 -2.70 16.03
CA PHE A 40 22.33 -1.71 15.89
C PHE A 40 20.98 -2.35 16.18
N ALA A 41 20.01 -1.52 16.60
CA ALA A 41 18.62 -1.94 16.65
C ALA A 41 18.08 -2.26 15.25
N MET A 42 17.38 -3.38 15.14
CA MET A 42 16.71 -3.72 13.88
C MET A 42 15.65 -2.70 13.53
N CYS A 43 14.90 -2.22 14.54
CA CYS A 43 13.66 -1.52 14.26
C CYS A 43 12.84 -2.40 13.33
N SER A 44 12.11 -1.81 12.39
CA SER A 44 11.23 -2.58 11.52
C SER A 44 11.95 -3.43 10.49
N THR A 45 13.29 -3.41 10.42
CA THR A 45 13.97 -4.33 9.50
C THR A 45 13.71 -5.79 9.89
N PHE A 46 13.34 -6.05 11.16
CA PHE A 46 13.03 -7.41 11.56
C PHE A 46 11.86 -8.01 10.82
N LYS A 47 11.01 -7.15 10.22
CA LYS A 47 9.82 -7.69 9.57
C LYS A 47 10.15 -8.50 8.34
N LEU A 48 11.29 -8.23 7.69
CA LEU A 48 11.66 -9.04 6.53
C LEU A 48 11.92 -10.49 6.95
N PRO A 49 12.80 -10.78 7.94
CA PRO A 49 12.93 -12.16 8.39
C PRO A 49 11.64 -12.73 8.96
N LEU A 50 10.88 -11.92 9.66
CA LEU A 50 9.57 -12.38 10.15
C LEU A 50 8.70 -12.95 9.03
N ALA A 51 8.55 -12.14 7.94
CA ALA A 51 7.80 -12.63 6.77
C ALA A 51 8.38 -13.93 6.21
N ALA A 52 9.71 -14.02 6.14
CA ALA A 52 10.33 -15.28 5.68
C ALA A 52 9.95 -16.44 6.60
N LEU A 53 10.03 -16.26 7.95
CA LEU A 53 9.62 -17.31 8.84
C LEU A 53 8.19 -17.77 8.55
N VAL A 54 7.28 -16.83 8.37
CA VAL A 54 5.88 -17.19 8.09
C VAL A 54 5.85 -17.98 6.79
N LEU A 55 6.56 -17.48 5.77
CA LEU A 55 6.63 -18.22 4.51
C LEU A 55 7.24 -19.61 4.69
N SER A 56 8.25 -19.76 5.55
N SER A 56 8.26 -19.72 5.53
CA SER A 56 8.84 -21.08 5.78
CA SER A 56 8.85 -21.02 5.80
C SER A 56 7.85 -22.02 6.50
C SER A 56 7.82 -21.98 6.42
N ARG A 57 6.96 -21.47 7.33
CA ARG A 57 5.94 -22.30 7.94
C ARG A 57 4.86 -22.67 6.94
N ILE A 58 4.53 -21.77 6.01
CA ILE A 58 3.68 -22.20 4.91
C ILE A 58 4.31 -23.34 4.10
N ASP A 59 5.60 -23.18 3.80
CA ASP A 59 6.38 -24.20 3.13
C ASP A 59 6.32 -25.55 3.84
N ALA A 60 6.30 -25.54 5.16
CA ALA A 60 6.35 -26.76 5.96
C ALA A 60 4.95 -27.28 6.26
N GLY A 61 3.93 -26.65 5.66
CA GLY A 61 2.55 -27.07 5.90
C GLY A 61 2.04 -26.75 7.30
N GLU A 62 2.66 -25.78 7.99
CA GLU A 62 2.31 -25.38 9.36
C GLU A 62 1.44 -24.11 9.36
N GLU A 63 1.28 -23.51 8.16
CA GLU A 63 0.59 -22.22 8.02
C GLU A 63 -0.05 -22.22 6.62
N ASN A 64 -1.07 -21.40 6.48
CA ASN A 64 -1.83 -21.30 5.23
C ASN A 64 -1.98 -19.81 4.86
N PRO A 65 -1.62 -19.41 3.63
CA PRO A 65 -1.67 -17.99 3.29
C PRO A 65 -3.06 -17.34 3.35
N GLU A 66 -4.11 -18.14 3.21
CA GLU A 66 -5.46 -17.58 3.33
C GLU A 66 -6.07 -17.75 4.72
N ARG A 67 -5.32 -18.29 5.69
CA ARG A 67 -5.92 -18.43 7.01
C ARG A 67 -6.22 -17.04 7.60
N LYS A 68 -7.42 -16.92 8.18
CA LYS A 68 -7.88 -15.69 8.80
C LYS A 68 -7.30 -15.55 10.20
N LEU A 69 -6.58 -14.48 10.43
CA LEU A 69 -6.09 -14.11 11.74
C LEU A 69 -7.08 -13.11 12.32
N HIS A 70 -7.90 -13.62 13.23
CA HIS A 70 -8.95 -12.88 13.88
C HIS A 70 -8.35 -11.97 14.94
N TYR A 71 -8.86 -10.72 15.00
CA TYR A 71 -8.44 -9.75 16.00
C TYR A 71 -9.54 -8.69 16.09
N ASP A 72 -9.41 -7.87 17.10
CA ASP A 72 -10.30 -6.75 17.32
C ASP A 72 -9.51 -5.54 17.78
N SER A 73 -10.21 -4.47 18.21
CA SER A 73 -9.51 -3.22 18.44
C SER A 73 -8.46 -3.42 19.57
N ALA A 74 -8.55 -4.45 20.42
CA ALA A 74 -7.59 -4.67 21.50
C ALA A 74 -6.21 -4.98 20.91
N PHE A 75 -6.13 -5.37 19.63
CA PHE A 75 -4.87 -5.75 19.06
C PHE A 75 -4.25 -4.61 18.27
N LEU A 76 -4.94 -3.47 18.14
CA LEU A 76 -4.37 -2.38 17.41
C LEU A 76 -3.15 -1.76 18.06
N GLU A 77 -2.35 -1.13 17.23
CA GLU A 77 -1.20 -0.33 17.64
C GLU A 77 -1.31 1.07 17.06
N GLU A 78 -0.50 1.95 17.62
CA GLU A 78 -0.54 3.35 17.23
C GLU A 78 -0.28 3.47 15.74
N TYR A 79 0.71 2.79 15.24
CA TYR A 79 0.99 2.78 13.79
C TYR A 79 0.52 1.42 13.25
N ALA A 80 -0.64 1.40 12.63
CA ALA A 80 -1.20 0.17 12.13
C ALA A 80 -2.22 0.48 11.03
N PRO A 81 -1.77 1.12 9.96
CA PRO A 81 -2.74 1.73 9.02
C PRO A 81 -3.60 0.68 8.30
N ALA A 82 -3.06 -0.49 7.98
CA ALA A 82 -3.88 -1.54 7.37
C ALA A 82 -4.77 -2.19 8.43
N ALA A 83 -4.21 -2.57 9.57
CA ALA A 83 -5.04 -3.26 10.55
C ALA A 83 -6.23 -2.39 10.99
N LYS A 84 -6.05 -1.08 11.10
CA LYS A 84 -7.15 -0.21 11.43
C LYS A 84 -8.23 -0.23 10.34
N ARG A 85 -7.84 -0.36 9.08
CA ARG A 85 -8.81 -0.48 7.97
C ARG A 85 -9.61 -1.76 8.02
N TYR A 86 -8.98 -2.88 8.38
CA TYR A 86 -9.63 -4.18 8.39
C TYR A 86 -10.32 -4.54 9.70
N VAL A 87 -10.08 -3.78 10.81
CA VAL A 87 -10.53 -4.22 12.11
C VAL A 87 -12.03 -4.49 12.19
N ALA A 88 -12.87 -3.69 11.53
CA ALA A 88 -14.30 -3.89 11.63
C ALA A 88 -14.69 -5.25 11.04
N THR A 89 -13.88 -5.84 10.15
CA THR A 89 -14.20 -7.14 9.57
C THR A 89 -13.83 -8.28 10.51
N GLY A 90 -12.99 -7.94 11.50
CA GLY A 90 -12.58 -8.91 12.52
C GLY A 90 -11.38 -9.77 12.15
N TYR A 91 -10.72 -9.57 11.02
CA TYR A 91 -9.57 -10.39 10.65
C TYR A 91 -8.78 -9.75 9.51
N MET A 92 -7.54 -10.22 9.38
CA MET A 92 -6.71 -10.16 8.19
C MET A 92 -6.22 -11.56 7.91
N THR A 93 -6.05 -11.87 6.63
CA THR A 93 -5.45 -13.14 6.26
C THR A 93 -3.95 -13.06 6.55
N VAL A 94 -3.32 -14.23 6.61
CA VAL A 94 -1.88 -14.32 6.74
C VAL A 94 -1.23 -13.48 5.62
N THR A 95 -1.73 -13.64 4.38
CA THR A 95 -1.22 -12.92 3.26
C THR A 95 -1.35 -11.43 3.49
N GLU A 96 -2.55 -10.95 3.84
CA GLU A 96 -2.70 -9.52 4.04
C GLU A 96 -1.78 -8.96 5.14
N ALA A 97 -1.59 -9.76 6.21
CA ALA A 97 -0.69 -9.36 7.29
C ALA A 97 0.77 -9.29 6.85
N ILE A 98 1.22 -10.30 6.09
CA ILE A 98 2.56 -10.21 5.52
C ILE A 98 2.72 -8.96 4.67
N GLN A 99 1.77 -8.72 3.74
CA GLN A 99 1.95 -7.61 2.84
C GLN A 99 1.97 -6.27 3.58
N SER A 100 1.07 -6.12 4.57
CA SER A 100 0.95 -4.92 5.36
C SER A 100 2.20 -4.71 6.22
N ALA A 101 2.67 -5.78 6.85
CA ALA A 101 3.84 -5.68 7.69
C ALA A 101 5.06 -5.28 6.89
N LEU A 102 5.21 -5.86 5.66
CA LEU A 102 6.35 -5.54 4.85
C LEU A 102 6.22 -4.18 4.18
N GLN A 103 5.13 -3.95 3.43
CA GLN A 103 5.08 -2.82 2.54
C GLN A 103 4.64 -1.53 3.22
N LEU A 104 4.00 -1.63 4.38
CA LEU A 104 3.55 -0.46 5.14
C LEU A 104 4.25 -0.38 6.49
N SER A 105 4.89 -1.48 6.89
CA SER A 105 5.47 -1.54 8.22
C SER A 105 4.42 -1.56 9.31
N ASP A 106 3.22 -2.07 9.04
CA ASP A 106 2.13 -2.05 10.01
C ASP A 106 2.52 -2.84 11.27
N ASN A 107 2.44 -2.19 12.44
CA ASN A 107 2.86 -2.85 13.66
C ASN A 107 1.88 -3.88 14.17
N ALA A 108 0.56 -3.68 13.95
CA ALA A 108 -0.39 -4.67 14.39
C ALA A 108 -0.26 -5.94 13.54
N ALA A 109 -0.15 -5.75 12.20
CA ALA A 109 0.09 -6.84 11.28
C ALA A 109 1.32 -7.65 11.75
N ALA A 110 2.42 -6.95 12.03
CA ALA A 110 3.61 -7.68 12.45
C ALA A 110 3.35 -8.43 13.77
N ASN A 111 2.59 -7.87 14.70
CA ASN A 111 2.32 -8.53 15.97
C ASN A 111 1.40 -9.73 15.75
N LEU A 112 0.50 -9.64 14.77
CA LEU A 112 -0.36 -10.78 14.44
C LEU A 112 0.50 -11.95 13.98
N LEU A 113 1.52 -11.65 13.17
CA LEU A 113 2.37 -12.69 12.64
C LEU A 113 3.27 -13.23 13.75
N LEU A 114 3.79 -12.33 14.57
CA LEU A 114 4.60 -12.77 15.70
C LEU A 114 3.81 -13.74 16.57
N LYS A 115 2.55 -13.43 16.84
CA LYS A 115 1.71 -14.31 17.63
C LYS A 115 1.63 -15.70 17.01
N GLU A 116 1.52 -15.75 15.72
CA GLU A 116 1.32 -17.01 15.02
C GLU A 116 2.60 -17.83 14.81
N VAL A 117 3.79 -17.24 14.98
CA VAL A 117 5.01 -18.04 14.79
C VAL A 117 5.60 -18.46 16.11
N GLY A 118 5.09 -17.94 17.20
CA GLY A 118 5.60 -18.27 18.52
C GLY A 118 6.38 -17.13 19.17
N GLY A 119 6.22 -15.91 18.62
CA GLY A 119 6.75 -14.76 19.31
C GLY A 119 8.24 -14.56 19.06
N PRO A 120 8.78 -13.47 19.64
CA PRO A 120 10.17 -13.12 19.36
C PRO A 120 11.15 -14.28 19.61
N PRO A 121 10.99 -15.16 20.64
CA PRO A 121 11.94 -16.27 20.80
C PRO A 121 12.06 -17.19 19.60
N LEU A 122 10.97 -17.36 18.83
CA LEU A 122 10.98 -18.27 17.69
C LEU A 122 11.56 -17.54 16.49
N LEU A 123 11.40 -16.20 16.40
CA LEU A 123 12.14 -15.52 15.35
C LEU A 123 13.65 -15.60 15.58
N THR A 124 14.06 -15.48 16.83
CA THR A 124 15.48 -15.63 17.12
C THR A 124 15.98 -17.03 16.69
N LYS A 125 15.17 -18.04 17.05
CA LYS A 125 15.52 -19.39 16.70
C LYS A 125 15.65 -19.49 15.17
N TYR A 126 14.76 -18.78 14.48
CA TYR A 126 14.82 -18.83 13.02
C TYR A 126 16.17 -18.26 12.51
N PHE A 127 16.55 -17.10 13.06
CA PHE A 127 17.81 -16.52 12.67
C PHE A 127 18.92 -17.55 12.87
N ARG A 128 18.93 -18.24 14.02
CA ARG A 128 20.00 -19.20 14.27
C ARG A 128 19.94 -20.34 13.26
N SER A 129 18.73 -20.76 12.85
CA SER A 129 18.59 -21.86 11.92
C SER A 129 19.17 -21.50 10.55
N LEU A 130 19.25 -20.21 10.22
CA LEU A 130 19.85 -19.71 8.97
C LEU A 130 21.36 -19.53 9.02
N GLY A 131 21.96 -19.71 10.20
CA GLY A 131 23.36 -19.45 10.37
C GLY A 131 23.63 -18.06 10.89
N ASP A 132 22.58 -17.29 11.28
CA ASP A 132 22.80 -15.95 11.80
C ASP A 132 22.96 -16.10 13.30
N LYS A 133 24.19 -15.93 13.81
CA LYS A 133 24.48 -16.12 15.21
C LYS A 133 24.24 -14.87 16.04
N VAL A 134 23.77 -13.77 15.45
CA VAL A 134 23.80 -12.47 16.11
C VAL A 134 22.40 -11.91 16.27
N SER A 135 21.63 -11.86 15.14
CA SER A 135 20.36 -11.19 15.16
C SER A 135 19.39 -11.82 16.17
N ARG A 136 18.65 -10.98 16.87
CA ARG A 136 17.77 -11.43 17.92
C ARG A 136 16.57 -10.52 18.07
N LEU A 137 15.37 -11.09 18.20
CA LEU A 137 14.19 -10.36 18.62
C LEU A 137 13.81 -10.79 20.03
N ASP A 138 13.34 -9.83 20.81
CA ASP A 138 13.03 -9.98 22.24
C ASP A 138 11.69 -9.39 22.61
N ARG A 139 11.26 -8.31 21.94
CA ARG A 139 10.02 -7.61 22.25
C ARG A 139 9.17 -7.50 21.01
N ILE A 140 7.85 -7.37 21.25
CA ILE A 140 6.95 -7.15 20.14
C ILE A 140 6.84 -5.65 19.87
N GLU A 141 6.08 -5.31 18.82
CA GLU A 141 5.89 -3.89 18.53
C GLU A 141 5.02 -3.27 19.63
N PRO A 142 5.21 -2.00 20.04
CA PRO A 142 6.23 -1.07 19.53
C PRO A 142 7.50 -0.97 20.39
N THR A 143 7.57 -1.75 21.50
CA THR A 143 8.64 -1.49 22.47
C THR A 143 10.02 -1.91 21.90
N LEU A 144 10.04 -2.73 20.83
CA LEU A 144 11.29 -3.16 20.24
C LEU A 144 12.04 -2.01 19.57
N ASN A 145 11.44 -0.81 19.51
CA ASN A 145 12.10 0.31 18.85
C ASN A 145 12.84 1.25 19.79
N THR A 146 13.02 0.87 21.06
CA THR A 146 13.61 1.84 21.99
C THR A 146 15.01 2.29 21.59
N ASN A 147 15.81 1.41 20.98
CA ASN A 147 17.16 1.70 20.50
C ASN A 147 18.04 2.34 21.57
N THR A 148 18.04 1.73 22.76
CA THR A 148 18.86 2.22 23.84
C THR A 148 20.34 1.80 23.63
N PRO A 149 21.32 2.71 23.71
CA PRO A 149 22.73 2.30 23.68
C PRO A 149 23.07 1.22 24.72
N GLY A 150 23.78 0.21 24.26
CA GLY A 150 24.23 -0.92 25.06
C GLY A 150 23.18 -2.04 25.20
N ASP A 151 21.96 -1.82 24.77
CA ASP A 151 20.89 -2.80 24.93
C ASP A 151 20.95 -3.74 23.74
N GLU A 152 21.21 -5.01 24.00
CA GLU A 152 21.27 -5.96 22.92
C GLU A 152 19.94 -6.54 22.49
N ARG A 153 18.86 -6.26 23.22
CA ARG A 153 17.56 -6.68 22.72
C ARG A 153 17.28 -6.12 21.32
N ASP A 154 16.70 -6.97 20.49
CA ASP A 154 16.11 -6.52 19.22
C ASP A 154 17.19 -5.93 18.31
N THR A 155 18.39 -6.52 18.29
CA THR A 155 19.53 -6.00 17.57
C THR A 155 20.00 -6.98 16.50
N THR A 156 20.78 -6.42 15.57
CA THR A 156 21.49 -7.14 14.55
C THR A 156 22.85 -6.47 14.37
N THR A 157 23.63 -6.92 13.38
CA THR A 157 24.71 -6.11 12.88
C THR A 157 24.49 -5.90 11.38
N PRO A 158 25.10 -4.87 10.75
CA PRO A 158 24.88 -4.72 9.29
C PRO A 158 25.26 -5.95 8.47
N MET A 159 26.40 -6.58 8.83
N MET A 159 26.37 -6.61 8.85
CA MET A 159 26.89 -7.80 8.20
CA MET A 159 26.83 -7.79 8.14
C MET A 159 25.86 -8.93 8.37
C MET A 159 25.87 -8.95 8.37
N SER A 160 25.46 -9.22 9.63
CA SER A 160 24.54 -10.33 9.90
C SER A 160 23.23 -10.21 9.12
N MET A 161 22.63 -9.01 9.17
CA MET A 161 21.35 -8.85 8.50
C MET A 161 21.57 -8.92 6.97
N ALA A 162 22.66 -8.37 6.47
CA ALA A 162 22.94 -8.47 5.02
C ALA A 162 23.10 -9.92 4.58
N GLN A 163 23.82 -10.72 5.41
CA GLN A 163 24.04 -12.11 5.09
C GLN A 163 22.74 -12.90 5.23
N THR A 164 21.91 -12.62 6.27
CA THR A 164 20.61 -13.28 6.40
C THR A 164 19.69 -12.96 5.20
N VAL A 165 19.63 -11.68 4.85
CA VAL A 165 18.77 -11.27 3.72
C VAL A 165 19.26 -11.92 2.41
N SER A 166 20.58 -11.97 2.16
CA SER A 166 21.13 -12.59 0.93
C SER A 166 20.72 -14.05 0.88
N LYS A 167 20.75 -14.76 2.04
CA LYS A 167 20.35 -16.16 2.10
C LYS A 167 18.88 -16.30 1.76
N LEU A 168 18.04 -15.44 2.37
CA LEU A 168 16.60 -15.56 2.14
C LEU A 168 16.21 -15.31 0.67
N ILE A 169 16.81 -14.29 0.09
CA ILE A 169 16.41 -13.82 -1.23
C ILE A 169 17.05 -14.64 -2.35
N PHE A 170 18.36 -14.96 -2.22
CA PHE A 170 19.14 -15.57 -3.28
C PHE A 170 19.46 -17.04 -3.00
N GLY A 171 19.36 -17.42 -1.75
CA GLY A 171 19.55 -18.80 -1.29
C GLY A 171 18.31 -19.64 -1.53
N ASP A 172 18.28 -20.82 -0.92
CA ASP A 172 17.34 -21.82 -1.32
C ASP A 172 16.62 -22.46 -0.14
N THR A 173 16.64 -21.83 1.04
CA THR A 173 15.87 -22.37 2.15
C THR A 173 14.36 -22.19 2.00
N LEU A 174 13.90 -21.13 1.31
CA LEU A 174 12.48 -21.02 0.98
C LEU A 174 12.19 -21.84 -0.28
N THR A 175 10.93 -22.30 -0.43
CA THR A 175 10.52 -22.87 -1.69
C THR A 175 10.62 -21.80 -2.78
N TYR A 176 10.73 -22.22 -4.04
CA TYR A 176 10.76 -21.22 -5.10
C TYR A 176 9.52 -20.33 -5.07
N LYS A 177 8.37 -20.89 -4.71
CA LYS A 177 7.15 -20.08 -4.64
C LYS A 177 7.25 -18.96 -3.59
N SER A 178 7.66 -19.34 -2.38
CA SER A 178 7.74 -18.39 -1.29
C SER A 178 8.84 -17.36 -1.56
N LYS A 179 9.96 -17.82 -2.12
CA LYS A 179 11.09 -16.94 -2.35
C LYS A 179 10.69 -15.82 -3.36
N GLY A 180 9.95 -16.24 -4.37
CA GLY A 180 9.38 -15.34 -5.38
C GLY A 180 8.38 -14.36 -4.78
N GLN A 181 7.53 -14.87 -3.90
CA GLN A 181 6.58 -14.00 -3.25
C GLN A 181 7.28 -12.96 -2.40
N LEU A 182 8.24 -13.40 -1.60
CA LEU A 182 8.96 -12.46 -0.76
C LEU A 182 9.62 -11.36 -1.60
N ARG A 183 10.29 -11.79 -2.67
CA ARG A 183 10.99 -10.81 -3.53
C ARG A 183 10.02 -9.76 -4.09
N ARG A 184 8.89 -10.19 -4.63
CA ARG A 184 7.93 -9.27 -5.25
C ARG A 184 7.30 -8.36 -4.20
N LEU A 185 7.06 -8.89 -2.97
CA LEU A 185 6.60 -8.07 -1.91
C LEU A 185 7.61 -6.98 -1.55
N LEU A 186 8.87 -7.36 -1.38
CA LEU A 186 9.87 -6.34 -1.09
C LEU A 186 10.05 -5.30 -2.18
N ILE A 187 9.99 -5.76 -3.42
CA ILE A 187 10.13 -4.79 -4.49
C ILE A 187 9.02 -3.74 -4.39
N GLY A 188 7.82 -4.20 -4.03
CA GLY A 188 6.70 -3.32 -3.84
C GLY A 188 6.64 -2.53 -2.56
N ASN A 189 7.67 -2.65 -1.71
CA ASN A 189 7.71 -1.88 -0.49
C ASN A 189 7.34 -0.42 -0.79
N GLN A 190 6.53 0.21 0.08
CA GLN A 190 6.12 1.60 -0.15
C GLN A 190 6.89 2.64 0.64
N THR A 191 7.76 2.19 1.58
CA THR A 191 8.35 3.14 2.51
C THR A 191 9.81 3.47 2.21
N GLY A 192 10.37 2.91 1.16
CA GLY A 192 11.79 2.96 0.89
C GLY A 192 12.20 3.76 -0.35
N ASP A 193 11.35 4.65 -0.82
CA ASP A 193 11.68 5.33 -2.04
C ASP A 193 12.74 6.41 -1.88
N LYS A 194 12.91 6.93 -0.67
CA LYS A 194 13.87 7.97 -0.36
C LYS A 194 15.10 7.40 0.33
N THR A 195 15.18 6.06 0.52
CA THR A 195 16.28 5.48 1.26
C THR A 195 17.27 4.78 0.31
N ILE A 196 17.57 3.49 0.42
CA ILE A 196 18.59 2.88 -0.43
C ILE A 196 18.25 3.07 -1.90
N ARG A 197 16.98 2.89 -2.25
CA ARG A 197 16.55 3.00 -3.63
C ARG A 197 16.85 4.32 -4.27
N ALA A 198 16.87 5.39 -3.50
CA ALA A 198 17.14 6.72 -4.05
C ALA A 198 18.62 6.86 -4.42
N GLY A 199 19.47 5.93 -3.96
CA GLY A 199 20.86 5.99 -4.38
C GLY A 199 21.24 4.98 -5.42
N LEU A 200 20.24 4.20 -5.93
CA LEU A 200 20.52 3.21 -6.92
C LEU A 200 19.82 3.63 -8.21
N PRO A 201 20.30 3.23 -9.39
CA PRO A 201 19.57 3.56 -10.61
C PRO A 201 18.22 2.82 -10.70
N ASP A 202 17.28 3.45 -11.42
CA ASP A 202 15.95 2.89 -11.57
C ASP A 202 15.95 1.56 -12.33
N SER A 203 16.98 1.27 -13.09
CA SER A 203 17.08 0.06 -13.95
C SER A 203 17.50 -1.17 -13.19
N TRP A 204 17.85 -0.96 -11.92
CA TRP A 204 18.25 -2.08 -11.06
C TRP A 204 17.04 -2.56 -10.32
N VAL A 205 16.83 -3.87 -10.28
CA VAL A 205 15.72 -4.37 -9.49
C VAL A 205 16.10 -4.24 -8.03
N THR A 206 15.22 -3.61 -7.22
CA THR A 206 15.52 -3.38 -5.82
C THR A 206 14.30 -3.67 -4.96
N GLY A 207 14.54 -4.40 -3.85
CA GLY A 207 13.52 -4.58 -2.87
C GLY A 207 14.11 -4.33 -1.50
N ASP A 208 13.32 -3.78 -0.58
CA ASP A 208 13.90 -3.34 0.69
C ASP A 208 12.86 -3.43 1.81
N LYS A 209 13.40 -3.37 3.06
CA LYS A 209 12.62 -3.07 4.21
C LYS A 209 13.33 -2.02 5.06
N THR A 210 12.60 -0.96 5.36
CA THR A 210 13.10 0.16 6.20
C THR A 210 12.89 -0.14 7.70
N GLY A 211 13.54 0.70 8.52
CA GLY A 211 13.24 0.81 9.94
C GLY A 211 13.49 2.21 10.44
N SER A 212 12.69 2.61 11.40
CA SER A 212 12.82 3.88 12.08
C SER A 212 12.63 3.60 13.57
N CYS A 213 13.46 4.23 14.40
CA CYS A 213 13.29 4.05 15.81
C CYS A 213 13.66 5.30 16.60
N ALA A 214 13.64 5.15 17.91
CA ALA A 214 13.91 6.21 18.84
C ALA A 214 15.41 6.52 18.77
N ASN A 215 15.83 7.64 19.36
CA ASN A 215 17.23 8.05 19.43
C ASN A 215 17.85 8.26 18.05
N GLY A 216 16.96 8.62 17.07
CA GLY A 216 17.39 9.00 15.73
C GLY A 216 17.75 7.81 14.85
N GLY A 217 17.19 6.61 15.18
CA GLY A 217 17.54 5.42 14.39
C GLY A 217 16.82 5.42 13.04
N ARG A 218 17.53 5.04 11.99
CA ARG A 218 16.92 4.98 10.67
C ARG A 218 17.75 4.01 9.88
N ASN A 219 17.06 2.96 9.42
CA ASN A 219 17.69 1.80 8.84
C ASN A 219 17.03 1.42 7.51
N ASP A 220 17.77 0.68 6.68
CA ASP A 220 17.17 0.07 5.49
C ASP A 220 18.04 -1.10 5.07
N VAL A 221 17.41 -2.20 4.65
CA VAL A 221 18.14 -3.30 4.03
C VAL A 221 17.47 -3.59 2.70
N ALA A 222 18.30 -3.72 1.67
CA ALA A 222 17.78 -3.94 0.32
C ALA A 222 18.56 -5.07 -0.35
N PHE A 223 17.88 -5.81 -1.20
CA PHE A 223 18.56 -6.60 -2.20
C PHE A 223 18.44 -5.87 -3.53
N PHE A 224 19.42 -6.06 -4.40
CA PHE A 224 19.31 -5.50 -5.75
C PHE A 224 20.05 -6.39 -6.74
N ILE A 225 19.63 -6.22 -8.01
CA ILE A 225 20.13 -6.93 -9.14
C ILE A 225 20.44 -5.91 -10.21
N THR A 226 21.74 -5.86 -10.56
CA THR A 226 22.27 -4.91 -11.52
C THR A 226 21.82 -5.32 -12.93
N THR A 227 22.05 -4.43 -13.91
CA THR A 227 21.70 -4.78 -15.28
C THR A 227 22.60 -5.89 -15.84
N ALA A 228 23.82 -6.05 -15.34
CA ALA A 228 24.63 -7.20 -15.70
C ALA A 228 24.13 -8.53 -15.09
N GLY A 229 23.12 -8.47 -14.23
CA GLY A 229 22.53 -9.62 -13.54
C GLY A 229 23.20 -9.98 -12.22
N LYS A 230 24.06 -9.10 -11.68
CA LYS A 230 24.77 -9.44 -10.46
C LYS A 230 23.88 -9.07 -9.28
N LYS A 231 24.00 -9.87 -8.23
CA LYS A 231 23.09 -9.86 -7.11
C LYS A 231 23.81 -9.43 -5.84
N TYR A 232 23.20 -8.52 -5.08
CA TYR A 232 23.79 -7.95 -3.87
C TYR A 232 22.74 -7.71 -2.81
N VAL A 233 23.23 -7.58 -1.55
CA VAL A 233 22.44 -7.01 -0.48
C VAL A 233 23.23 -5.89 0.16
N LEU A 234 22.50 -4.79 0.45
CA LEU A 234 23.08 -3.66 1.15
C LEU A 234 22.28 -3.42 2.42
N SER A 235 22.97 -3.48 3.59
CA SER A 235 22.30 -3.11 4.86
C SER A 235 22.87 -1.75 5.28
N VAL A 236 21.99 -0.87 5.78
CA VAL A 236 22.43 0.43 6.23
C VAL A 236 21.68 0.73 7.52
N TYR A 237 22.44 0.84 8.60
CA TYR A 237 21.89 1.13 9.91
C TYR A 237 22.45 2.45 10.37
N THR A 238 21.60 3.34 10.88
CA THR A 238 22.11 4.65 11.27
C THR A 238 21.44 5.12 12.54
N ASN A 239 22.22 5.92 13.30
CA ASN A 239 21.68 6.74 14.37
C ASN A 239 22.14 8.16 14.10
N ALA A 240 21.16 9.04 13.93
CA ALA A 240 21.39 10.42 13.48
C ALA A 240 20.41 11.34 14.19
N PRO A 241 20.51 11.42 15.55
CA PRO A 241 19.58 12.23 16.35
C PRO A 241 19.52 13.69 16.00
N GLU A 242 20.56 14.20 15.32
CA GLU A 242 20.69 15.64 15.10
C GLU A 242 20.08 15.98 13.75
N LEU A 243 19.74 14.95 12.97
CA LEU A 243 19.14 15.15 11.67
C LEU A 243 17.62 15.13 11.81
N GLN A 244 16.97 15.86 10.90
CA GLN A 244 15.53 15.79 10.73
C GLN A 244 15.22 14.57 9.86
N GLY A 245 13.95 14.19 9.82
CA GLY A 245 13.59 12.92 9.21
C GLY A 245 14.02 12.83 7.75
N GLU A 246 13.70 13.85 6.92
CA GLU A 246 14.10 13.75 5.50
C GLU A 246 15.62 13.67 5.39
N GLU A 247 16.33 14.32 6.34
CA GLU A 247 17.78 14.25 6.28
C GLU A 247 18.27 12.84 6.60
N ARG A 248 17.52 12.09 7.44
CA ARG A 248 17.92 10.72 7.82
C ARG A 248 17.78 9.80 6.63
N ALA A 249 16.72 9.99 5.85
CA ALA A 249 16.57 9.20 4.64
C ALA A 249 17.67 9.57 3.63
N LEU A 250 18.01 10.86 3.46
CA LEU A 250 19.04 11.28 2.51
C LEU A 250 20.39 10.67 2.88
N LEU A 251 20.67 10.56 4.20
CA LEU A 251 21.87 9.93 4.67
C LEU A 251 21.96 8.49 4.19
N ILE A 252 20.85 7.72 4.32
CA ILE A 252 20.87 6.35 3.80
C ILE A 252 21.05 6.33 2.27
N ALA A 253 20.32 7.21 1.57
CA ALA A 253 20.47 7.27 0.13
C ALA A 253 21.94 7.55 -0.29
N SER A 254 22.60 8.47 0.44
CA SER A 254 23.99 8.83 0.25
C SER A 254 24.90 7.62 0.40
N VAL A 255 24.59 6.77 1.36
CA VAL A 255 25.35 5.55 1.56
C VAL A 255 25.18 4.59 0.41
N ALA A 256 23.92 4.46 -0.03
CA ALA A 256 23.61 3.61 -1.17
C ALA A 256 24.37 4.11 -2.40
N LYS A 257 24.37 5.42 -2.61
CA LYS A 257 25.01 6.02 -3.77
C LYS A 257 26.51 5.71 -3.76
N LEU A 258 27.16 5.67 -2.56
CA LEU A 258 28.55 5.30 -2.51
C LEU A 258 28.70 3.83 -2.87
N ALA A 259 27.76 3.00 -2.42
CA ALA A 259 27.77 1.58 -2.73
C ALA A 259 27.62 1.37 -4.24
N ARG A 260 26.77 2.15 -4.86
CA ARG A 260 26.53 2.05 -6.31
C ARG A 260 27.85 2.24 -7.07
N GLN A 261 28.62 3.25 -6.61
CA GLN A 261 29.91 3.56 -7.19
C GLN A 261 30.80 2.31 -7.10
N TYR A 262 30.78 1.54 -5.98
CA TYR A 262 31.68 0.40 -5.86
C TYR A 262 31.25 -0.75 -6.73
N VAL A 263 29.93 -0.98 -6.81
CA VAL A 263 29.37 -2.07 -7.57
C VAL A 263 29.70 -1.89 -9.05
N VAL A 264 29.60 -0.66 -9.51
CA VAL A 264 29.85 -0.38 -10.91
C VAL A 264 31.34 -0.73 -11.16
N HIS A 265 32.23 -0.28 -10.28
CA HIS A 265 33.66 -0.62 -10.42
C HIS A 265 33.81 -2.14 -10.23
N GLN B 1 -35.38 13.95 4.09
CA GLN B 1 -34.82 14.38 2.79
C GLN B 1 -34.36 15.83 2.94
N ALA B 2 -35.35 16.69 3.34
CA ALA B 2 -35.22 18.14 3.50
C ALA B 2 -34.01 18.53 4.37
N ASP B 3 -33.93 17.98 5.60
CA ASP B 3 -32.83 18.25 6.53
C ASP B 3 -31.50 17.88 5.88
N PHE B 4 -31.39 16.64 5.33
CA PHE B 4 -30.16 16.21 4.68
C PHE B 4 -29.75 17.19 3.58
N GLU B 5 -30.69 17.47 2.64
CA GLU B 5 -30.39 18.36 1.53
C GLU B 5 -29.94 19.75 2.01
N HIS B 6 -30.57 20.31 3.02
CA HIS B 6 -30.20 21.63 3.49
C HIS B 6 -28.81 21.57 4.17
N ALA B 7 -28.49 20.46 4.87
CA ALA B 7 -27.14 20.31 5.45
C ALA B 7 -26.08 20.34 4.34
N ILE B 8 -26.34 19.64 3.22
CA ILE B 8 -25.38 19.68 2.14
C ILE B 8 -25.29 21.10 1.53
N SER B 9 -26.44 21.76 1.30
CA SER B 9 -26.39 23.09 0.73
C SER B 9 -25.57 24.03 1.61
N ASP B 10 -25.78 23.87 2.90
CA ASP B 10 -25.00 24.67 3.87
C ASP B 10 -23.50 24.45 3.62
N LEU B 11 -23.09 23.18 3.43
CA LEU B 11 -21.68 22.86 3.22
C LEU B 11 -21.19 23.49 1.93
N GLU B 12 -22.02 23.47 0.86
CA GLU B 12 -21.67 24.11 -0.39
C GLU B 12 -21.33 25.58 -0.18
N ALA B 13 -22.24 26.26 0.53
CA ALA B 13 -22.14 27.69 0.70
C ALA B 13 -20.95 28.04 1.60
N HIS B 14 -20.76 27.25 2.69
CA HIS B 14 -19.66 27.52 3.60
C HIS B 14 -18.33 27.37 2.86
N ASN B 15 -18.25 26.42 1.90
CA ASN B 15 -16.99 26.07 1.28
C ASN B 15 -16.83 26.55 -0.15
N GLN B 16 -17.79 27.37 -0.61
CA GLN B 16 -17.85 27.81 -1.99
C GLN B 16 -17.60 26.64 -2.90
N ALA B 17 -18.34 25.56 -2.65
CA ALA B 17 -18.12 24.26 -3.28
C ALA B 17 -19.38 23.84 -4.02
N LYS B 18 -19.20 22.89 -4.92
CA LYS B 18 -20.29 22.11 -5.49
C LYS B 18 -20.15 20.67 -4.95
N ILE B 19 -21.24 20.13 -4.38
CA ILE B 19 -21.22 18.78 -3.86
C ILE B 19 -22.36 18.00 -4.44
N GLY B 20 -22.05 16.82 -4.96
CA GLY B 20 -23.07 15.84 -5.26
C GLY B 20 -22.93 14.58 -4.44
N VAL B 21 -24.06 14.04 -4.02
CA VAL B 21 -24.02 12.90 -3.12
C VAL B 21 -25.22 12.00 -3.37
N ALA B 22 -24.94 10.68 -3.35
CA ALA B 22 -26.02 9.72 -3.28
C ALA B 22 -25.69 8.66 -2.23
N LEU B 23 -26.65 8.43 -1.36
CA LEU B 23 -26.63 7.32 -0.43
C LEU B 23 -27.69 6.35 -0.89
N VAL B 24 -27.27 5.11 -1.16
CA VAL B 24 -28.17 4.06 -1.64
C VAL B 24 -28.10 2.85 -0.73
N SER B 25 -29.23 2.12 -0.66
CA SER B 25 -29.30 0.85 0.00
C SER B 25 -28.69 -0.24 -0.88
N GLU B 26 -28.53 -1.43 -0.28
CA GLU B 26 -27.89 -2.60 -0.85
C GLU B 26 -28.33 -2.81 -2.31
N ASN B 27 -29.63 -2.66 -2.55
CA ASN B 27 -30.22 -3.01 -3.81
C ASN B 27 -30.20 -1.82 -4.77
N GLY B 28 -29.53 -0.73 -4.39
CA GLY B 28 -29.36 0.43 -5.25
C GLY B 28 -30.43 1.53 -5.13
N ASN B 29 -31.40 1.33 -4.26
CA ASN B 29 -32.44 2.31 -4.07
C ASN B 29 -31.91 3.57 -3.37
N LEU B 30 -32.30 4.75 -3.83
CA LEU B 30 -31.79 5.99 -3.30
C LEU B 30 -32.43 6.26 -1.94
N ILE B 31 -31.59 6.47 -0.94
CA ILE B 31 -32.04 6.78 0.40
C ILE B 31 -32.05 8.31 0.58
N GLN B 32 -30.93 8.94 0.22
CA GLN B 32 -30.74 10.38 0.31
C GLN B 32 -29.83 10.79 -0.81
N GLY B 33 -30.12 11.96 -1.39
CA GLY B 33 -29.21 12.49 -2.39
C GLY B 33 -29.28 14.00 -2.47
N TYR B 34 -28.25 14.60 -3.07
CA TYR B 34 -28.14 16.02 -3.29
C TYR B 34 -27.31 16.23 -4.57
N ARG B 35 -27.96 16.84 -5.58
CA ARG B 35 -27.35 16.89 -6.91
C ARG B 35 -26.97 15.49 -7.39
N ALA B 36 -27.80 14.52 -7.07
CA ALA B 36 -27.42 13.14 -7.30
C ALA B 36 -27.42 12.79 -8.77
N ASN B 37 -28.12 13.58 -9.58
CA ASN B 37 -28.19 13.35 -11.01
C ASN B 37 -27.39 14.37 -11.85
N GLU B 38 -26.57 15.21 -11.19
CA GLU B 38 -25.67 16.12 -11.87
C GLU B 38 -24.39 15.40 -12.26
N ARG B 39 -23.80 15.77 -13.39
CA ARG B 39 -22.58 15.13 -13.86
C ARG B 39 -21.39 15.70 -13.13
N PHE B 40 -20.47 14.79 -12.78
CA PHE B 40 -19.17 15.17 -12.24
C PHE B 40 -18.09 14.32 -12.93
N ALA B 41 -16.85 14.82 -12.96
CA ALA B 41 -15.73 13.96 -13.42
C ALA B 41 -15.49 12.78 -12.49
N MET B 42 -15.33 11.56 -13.02
CA MET B 42 -15.05 10.40 -12.19
C MET B 42 -13.67 10.54 -11.49
N CYS B 43 -12.70 11.14 -12.19
CA CYS B 43 -11.33 11.09 -11.75
C CYS B 43 -11.04 9.61 -11.43
N SER B 44 -10.23 9.34 -10.41
CA SER B 44 -9.81 7.97 -10.19
C SER B 44 -10.90 7.07 -9.64
N THR B 45 -12.14 7.55 -9.42
CA THR B 45 -13.20 6.63 -9.02
C THR B 45 -13.45 5.58 -10.08
N PHE B 46 -13.08 5.89 -11.35
CA PHE B 46 -13.31 4.91 -12.42
C PHE B 46 -12.55 3.61 -12.16
N LYS B 47 -11.50 3.70 -11.34
CA LYS B 47 -10.65 2.51 -11.19
C LYS B 47 -11.39 1.38 -10.46
N LEU B 48 -12.47 1.69 -9.71
CA LEU B 48 -13.23 0.63 -9.05
C LEU B 48 -13.96 -0.21 -10.09
N PRO B 49 -14.82 0.40 -10.94
CA PRO B 49 -15.41 -0.41 -12.01
C PRO B 49 -14.41 -1.06 -12.95
N LEU B 50 -13.27 -0.40 -13.23
CA LEU B 50 -12.22 -1.03 -14.02
C LEU B 50 -11.81 -2.32 -13.36
N ALA B 51 -11.45 -2.26 -12.07
CA ALA B 51 -11.08 -3.52 -11.42
C ALA B 51 -12.17 -4.58 -11.51
N ALA B 52 -13.43 -4.18 -11.31
CA ALA B 52 -14.51 -5.16 -11.46
C ALA B 52 -14.53 -5.79 -12.87
N LEU B 53 -14.34 -4.95 -13.92
CA LEU B 53 -14.32 -5.49 -15.28
C LEU B 53 -13.24 -6.57 -15.45
N VAL B 54 -12.04 -6.29 -14.93
CA VAL B 54 -10.99 -7.26 -14.97
C VAL B 54 -11.38 -8.52 -14.20
N LEU B 55 -11.99 -8.37 -13.02
CA LEU B 55 -12.42 -9.55 -12.27
C LEU B 55 -13.49 -10.31 -13.05
N SER B 56 -14.45 -9.62 -13.70
CA SER B 56 -15.43 -10.27 -14.52
C SER B 56 -14.76 -11.12 -15.63
N ARG B 57 -13.66 -10.64 -16.21
CA ARG B 57 -12.95 -11.39 -17.23
C ARG B 57 -12.28 -12.62 -16.61
N ILE B 58 -11.71 -12.46 -15.40
CA ILE B 58 -11.20 -13.62 -14.70
C ILE B 58 -12.32 -14.62 -14.52
N ASP B 59 -13.48 -14.15 -14.05
CA ASP B 59 -14.61 -15.01 -13.78
C ASP B 59 -14.95 -15.85 -15.03
N ALA B 60 -14.91 -15.18 -16.19
CA ALA B 60 -15.26 -15.77 -17.47
C ALA B 60 -14.16 -16.65 -18.07
N GLY B 61 -13.02 -16.80 -17.39
CA GLY B 61 -11.83 -17.49 -17.89
C GLY B 61 -11.12 -16.79 -19.05
N GLU B 62 -11.35 -15.47 -19.19
CA GLU B 62 -10.76 -14.67 -20.24
C GLU B 62 -9.52 -13.95 -19.73
N GLU B 63 -9.18 -14.09 -18.44
CA GLU B 63 -8.09 -13.38 -17.81
C GLU B 63 -7.67 -14.25 -16.63
N ASN B 64 -6.41 -14.07 -16.22
CA ASN B 64 -5.80 -14.86 -15.16
C ASN B 64 -5.11 -13.93 -14.15
N PRO B 65 -5.35 -14.05 -12.83
CA PRO B 65 -4.81 -13.08 -11.87
C PRO B 65 -3.28 -13.06 -11.84
N GLU B 66 -2.62 -14.18 -12.25
CA GLU B 66 -1.18 -14.24 -12.19
C GLU B 66 -0.53 -13.89 -13.52
N ARG B 67 -1.32 -13.53 -14.56
CA ARG B 67 -0.73 -13.24 -15.85
C ARG B 67 0.17 -12.00 -15.73
N LYS B 68 1.39 -12.10 -16.32
CA LYS B 68 2.31 -10.99 -16.26
C LYS B 68 1.99 -9.96 -17.33
N LEU B 69 1.82 -8.71 -16.89
CA LEU B 69 1.61 -7.61 -17.82
C LEU B 69 2.96 -6.90 -17.97
N HIS B 70 3.59 -7.16 -19.10
CA HIS B 70 4.92 -6.62 -19.38
C HIS B 70 4.85 -5.16 -19.79
N TYR B 71 5.82 -4.39 -19.33
CA TYR B 71 5.92 -2.98 -19.65
C TYR B 71 7.34 -2.54 -19.38
N ASP B 72 7.63 -1.33 -19.82
CA ASP B 72 8.91 -0.70 -19.57
C ASP B 72 8.69 0.77 -19.22
N SER B 73 9.78 1.53 -19.07
CA SER B 73 9.63 2.87 -18.57
C SER B 73 8.78 3.74 -19.49
N ALA B 74 8.60 3.35 -20.75
CA ALA B 74 7.79 4.14 -21.65
C ALA B 74 6.33 4.11 -21.24
N PHE B 75 5.93 3.15 -20.40
CA PHE B 75 4.58 3.03 -19.90
C PHE B 75 4.33 3.83 -18.61
N LEU B 76 5.36 4.39 -17.98
CA LEU B 76 5.18 5.04 -16.71
C LEU B 76 4.44 6.34 -16.86
N GLU B 77 3.80 6.73 -15.78
CA GLU B 77 3.13 8.02 -15.65
C GLU B 77 3.71 8.78 -14.45
N GLU B 78 3.39 10.08 -14.35
CA GLU B 78 3.93 10.93 -13.29
C GLU B 78 3.56 10.39 -11.90
N TYR B 79 2.33 9.92 -11.73
CA TYR B 79 1.89 9.28 -10.51
C TYR B 79 1.75 7.79 -10.76
N ALA B 80 2.81 7.03 -10.41
CA ALA B 80 2.78 5.60 -10.62
C ALA B 80 3.72 4.97 -9.60
N PRO B 81 3.38 5.07 -8.31
CA PRO B 81 4.35 4.70 -7.29
C PRO B 81 4.73 3.20 -7.38
N ALA B 82 3.75 2.32 -7.62
CA ALA B 82 4.00 0.90 -7.69
C ALA B 82 4.69 0.55 -9.01
N ALA B 83 4.16 1.05 -10.14
CA ALA B 83 4.74 0.68 -11.40
C ALA B 83 6.19 1.10 -11.50
N LYS B 84 6.56 2.21 -10.88
CA LYS B 84 7.94 2.65 -10.87
C LYS B 84 8.84 1.70 -10.07
N ARG B 85 8.30 1.12 -9.01
CA ARG B 85 9.04 0.13 -8.23
C ARG B 85 9.26 -1.17 -8.99
N TYR B 86 8.26 -1.58 -9.76
CA TYR B 86 8.34 -2.86 -10.46
C TYR B 86 8.97 -2.78 -11.85
N VAL B 87 9.19 -1.56 -12.40
CA VAL B 87 9.55 -1.44 -13.79
C VAL B 87 10.84 -2.16 -14.18
N ALA B 88 11.88 -2.16 -13.33
CA ALA B 88 13.11 -2.89 -13.65
C ALA B 88 12.86 -4.37 -13.87
N THR B 89 11.78 -4.97 -13.28
CA THR B 89 11.51 -6.39 -13.45
C THR B 89 10.80 -6.65 -14.78
N GLY B 90 10.27 -5.59 -15.41
CA GLY B 90 9.66 -5.81 -16.70
C GLY B 90 8.16 -6.09 -16.68
N TYR B 91 7.54 -6.25 -15.50
CA TYR B 91 6.13 -6.55 -15.46
C TYR B 91 5.52 -6.29 -14.07
N MET B 92 4.17 -6.28 -14.08
CA MET B 92 3.35 -6.49 -12.93
C MET B 92 2.31 -7.53 -13.30
N THR B 93 1.93 -8.36 -12.32
CA THR B 93 0.86 -9.28 -12.57
C THR B 93 -0.47 -8.49 -12.65
N VAL B 94 -1.50 -9.17 -13.19
CA VAL B 94 -2.83 -8.62 -13.14
C VAL B 94 -3.19 -8.26 -11.68
N THR B 95 -2.93 -9.17 -10.75
CA THR B 95 -3.30 -8.91 -9.38
C THR B 95 -2.60 -7.69 -8.84
N GLU B 96 -1.29 -7.61 -9.10
CA GLU B 96 -0.50 -6.47 -8.61
C GLU B 96 -1.04 -5.16 -9.18
N ALA B 97 -1.36 -5.16 -10.48
CA ALA B 97 -1.88 -3.97 -11.12
C ALA B 97 -3.23 -3.59 -10.55
N ILE B 98 -4.13 -4.56 -10.31
CA ILE B 98 -5.41 -4.25 -9.66
C ILE B 98 -5.17 -3.65 -8.28
N GLN B 99 -4.29 -4.27 -7.49
CA GLN B 99 -4.13 -3.81 -6.13
C GLN B 99 -3.59 -2.38 -6.11
N SER B 100 -2.62 -2.13 -6.99
N SER B 100 -2.60 -2.10 -6.98
CA SER B 100 -1.93 -0.86 -7.05
CA SER B 100 -1.96 -0.80 -6.99
C SER B 100 -2.88 0.22 -7.59
C SER B 100 -2.91 0.24 -7.58
N ALA B 101 -3.66 -0.11 -8.64
CA ALA B 101 -4.59 0.84 -9.19
C ALA B 101 -5.63 1.19 -8.11
N LEU B 102 -6.17 0.21 -7.37
CA LEU B 102 -7.17 0.48 -6.34
C LEU B 102 -6.55 1.18 -5.12
N GLN B 103 -5.56 0.58 -4.48
CA GLN B 103 -5.22 1.04 -3.15
C GLN B 103 -4.26 2.21 -3.16
N LEU B 104 -3.50 2.38 -4.26
CA LEU B 104 -2.64 3.53 -4.42
C LEU B 104 -3.12 4.55 -5.45
N SER B 105 -4.03 4.14 -6.28
CA SER B 105 -4.47 4.99 -7.38
C SER B 105 -3.38 5.12 -8.43
N ASP B 106 -2.52 4.10 -8.55
CA ASP B 106 -1.43 4.14 -9.50
C ASP B 106 -1.94 4.27 -10.95
N ASN B 107 -1.48 5.31 -11.65
CA ASN B 107 -2.00 5.61 -12.99
C ASN B 107 -1.43 4.66 -14.05
N ALA B 108 -0.16 4.26 -13.96
CA ALA B 108 0.36 3.29 -14.88
C ALA B 108 -0.34 1.94 -14.75
N ALA B 109 -0.52 1.49 -13.50
CA ALA B 109 -1.28 0.25 -13.27
C ALA B 109 -2.66 0.31 -13.90
N ALA B 110 -3.38 1.42 -13.69
CA ALA B 110 -4.71 1.55 -14.28
C ALA B 110 -4.59 1.49 -15.79
N ASN B 111 -3.59 2.14 -16.36
CA ASN B 111 -3.45 2.13 -17.83
C ASN B 111 -3.09 0.74 -18.36
N LEU B 112 -2.31 -0.04 -17.60
CA LEU B 112 -2.03 -1.40 -17.97
C LEU B 112 -3.31 -2.20 -18.03
N LEU B 113 -4.18 -2.03 -17.03
CA LEU B 113 -5.40 -2.81 -17.05
C LEU B 113 -6.33 -2.35 -18.18
N LEU B 114 -6.41 -1.04 -18.42
CA LEU B 114 -7.22 -0.53 -19.50
C LEU B 114 -6.81 -1.13 -20.83
N LYS B 115 -5.51 -1.25 -21.07
CA LYS B 115 -4.98 -1.85 -22.29
C LYS B 115 -5.51 -3.28 -22.40
N GLU B 116 -5.58 -4.03 -21.27
CA GLU B 116 -5.98 -5.44 -21.32
C GLU B 116 -7.49 -5.64 -21.37
N VAL B 117 -8.30 -4.59 -21.22
CA VAL B 117 -9.73 -4.81 -21.34
C VAL B 117 -10.27 -4.17 -22.62
N GLY B 118 -9.42 -3.45 -23.40
CA GLY B 118 -9.91 -2.87 -24.64
C GLY B 118 -10.12 -1.37 -24.54
N GLY B 119 -9.64 -0.82 -23.41
CA GLY B 119 -9.58 0.62 -23.33
C GLY B 119 -10.92 1.28 -22.89
N PRO B 120 -10.90 2.62 -22.80
CA PRO B 120 -12.05 3.36 -22.32
C PRO B 120 -13.37 2.94 -22.99
N PRO B 121 -13.39 2.61 -24.31
CA PRO B 121 -14.68 2.25 -24.92
C PRO B 121 -15.32 1.01 -24.30
N LEU B 122 -14.45 0.11 -23.82
CA LEU B 122 -14.96 -1.15 -23.34
C LEU B 122 -15.34 -1.04 -21.88
N LEU B 123 -14.68 -0.14 -21.15
CA LEU B 123 -15.16 0.18 -19.82
C LEU B 123 -16.53 0.85 -19.91
N THR B 124 -16.73 1.71 -20.89
CA THR B 124 -18.04 2.35 -21.04
C THR B 124 -19.05 1.27 -21.37
N LYS B 125 -18.66 0.33 -22.25
CA LYS B 125 -19.55 -0.76 -22.55
C LYS B 125 -19.95 -1.58 -21.33
N TYR B 126 -18.98 -1.76 -20.44
CA TYR B 126 -19.26 -2.47 -19.19
C TYR B 126 -20.27 -1.76 -18.29
N PHE B 127 -20.11 -0.45 -18.10
CA PHE B 127 -21.10 0.34 -17.42
C PHE B 127 -22.50 0.07 -17.96
N ARG B 128 -22.63 0.16 -19.32
CA ARG B 128 -23.90 -0.04 -19.99
C ARG B 128 -24.44 -1.42 -19.66
N SER B 129 -23.56 -2.43 -19.67
CA SER B 129 -23.96 -3.80 -19.42
C SER B 129 -24.55 -3.97 -18.01
N LEU B 130 -24.14 -3.10 -17.07
CA LEU B 130 -24.59 -3.14 -15.70
C LEU B 130 -25.87 -2.38 -15.49
N GLY B 131 -26.38 -1.72 -16.54
CA GLY B 131 -27.55 -0.87 -16.43
C GLY B 131 -27.20 0.57 -16.12
N ASP B 132 -25.93 0.95 -16.12
CA ASP B 132 -25.55 2.33 -15.89
C ASP B 132 -25.53 3.00 -17.24
N LYS B 133 -26.51 3.88 -17.43
CA LYS B 133 -26.71 4.54 -18.71
C LYS B 133 -25.90 5.83 -18.83
N VAL B 134 -25.16 6.20 -17.79
CA VAL B 134 -24.55 7.51 -17.73
C VAL B 134 -23.01 7.44 -17.72
N SER B 135 -22.42 6.66 -16.81
CA SER B 135 -21.01 6.73 -16.60
C SER B 135 -20.28 6.43 -17.90
N ARG B 136 -19.17 7.10 -18.11
CA ARG B 136 -18.45 6.89 -19.36
C ARG B 136 -16.97 7.21 -19.14
N LEU B 137 -16.10 6.34 -19.69
CA LEU B 137 -14.68 6.61 -19.81
C LEU B 137 -14.30 6.85 -21.28
N ASP B 138 -13.49 7.87 -21.52
CA ASP B 138 -13.10 8.30 -22.84
C ASP B 138 -11.59 8.46 -22.99
N ARG B 139 -10.88 8.72 -21.89
CA ARG B 139 -9.46 8.97 -21.99
C ARG B 139 -8.78 8.07 -20.98
N ILE B 140 -7.51 7.80 -21.23
CA ILE B 140 -6.69 7.07 -20.27
C ILE B 140 -6.00 8.05 -19.34
N GLU B 141 -5.28 7.52 -18.35
CA GLU B 141 -4.61 8.42 -17.42
C GLU B 141 -3.44 9.08 -18.12
N PRO B 142 -3.09 10.33 -17.81
CA PRO B 142 -3.79 11.13 -16.81
C PRO B 142 -4.79 12.19 -17.35
N THR B 143 -5.04 12.18 -18.64
CA THR B 143 -5.78 13.31 -19.20
C THR B 143 -7.25 13.24 -18.83
N LEU B 144 -7.72 12.07 -18.37
CA LEU B 144 -9.08 11.92 -17.91
C LEU B 144 -9.40 12.81 -16.71
N ASN B 145 -8.42 13.49 -16.09
CA ASN B 145 -8.65 14.26 -14.88
C ASN B 145 -8.85 15.73 -15.15
N THR B 146 -9.05 16.15 -16.40
CA THR B 146 -9.09 17.59 -16.65
C THR B 146 -10.28 18.30 -15.95
N ASN B 147 -11.43 17.62 -15.82
CA ASN B 147 -12.56 18.13 -15.06
C ASN B 147 -12.97 19.52 -15.56
N THR B 148 -13.07 19.63 -16.87
CA THR B 148 -13.55 20.87 -17.47
C THR B 148 -15.08 20.94 -17.41
N PRO B 149 -15.64 22.09 -16.92
CA PRO B 149 -17.09 22.32 -16.90
C PRO B 149 -17.72 22.08 -18.28
N GLY B 150 -18.81 21.28 -18.29
CA GLY B 150 -19.59 20.95 -19.47
C GLY B 150 -19.03 19.83 -20.34
N ASP B 151 -17.83 19.36 -20.01
CA ASP B 151 -17.23 18.27 -20.75
C ASP B 151 -17.77 17.01 -20.12
N GLU B 152 -18.41 16.19 -20.96
CA GLU B 152 -18.99 14.94 -20.50
C GLU B 152 -18.01 13.77 -20.60
N ARG B 153 -16.83 13.94 -21.20
CA ARG B 153 -15.86 12.87 -21.15
C ARG B 153 -15.52 12.52 -19.70
N ASP B 154 -15.48 11.23 -19.44
CA ASP B 154 -14.90 10.73 -18.17
C ASP B 154 -15.74 11.13 -16.97
N THR B 155 -17.06 11.10 -17.14
CA THR B 155 -18.00 11.60 -16.15
C THR B 155 -18.92 10.49 -15.65
N THR B 156 -19.49 10.75 -14.47
CA THR B 156 -20.58 9.96 -13.95
C THR B 156 -21.56 10.90 -13.25
N THR B 157 -22.52 10.33 -12.54
CA THR B 157 -23.35 11.08 -11.63
C THR B 157 -23.22 10.43 -10.26
N PRO B 158 -23.46 11.14 -9.13
CA PRO B 158 -23.34 10.47 -7.82
C PRO B 158 -24.29 9.27 -7.70
N MET B 159 -25.54 9.36 -8.23
CA MET B 159 -26.48 8.25 -8.18
C MET B 159 -25.99 7.11 -9.13
N SER B 160 -25.54 7.39 -10.38
CA SER B 160 -25.11 6.32 -11.26
C SER B 160 -23.97 5.51 -10.62
N MET B 161 -22.94 6.22 -10.11
CA MET B 161 -21.79 5.53 -9.56
C MET B 161 -22.19 4.79 -8.27
N ALA B 162 -23.03 5.40 -7.42
CA ALA B 162 -23.53 4.69 -6.25
C ALA B 162 -24.23 3.40 -6.63
N GLN B 163 -25.13 3.46 -7.61
CA GLN B 163 -25.85 2.25 -8.05
C GLN B 163 -24.95 1.21 -8.70
N THR B 164 -23.98 1.66 -9.51
CA THR B 164 -23.06 0.74 -10.13
C THR B 164 -22.23 0.00 -9.06
N VAL B 165 -21.70 0.79 -8.15
CA VAL B 165 -20.88 0.21 -7.08
C VAL B 165 -21.72 -0.74 -6.21
N SER B 166 -22.97 -0.39 -5.87
CA SER B 166 -23.79 -1.31 -5.07
C SER B 166 -24.04 -2.59 -5.83
N LYS B 167 -24.24 -2.50 -7.16
CA LYS B 167 -24.40 -3.72 -7.96
C LYS B 167 -23.15 -4.60 -7.92
N LEU B 168 -21.99 -3.96 -8.07
CA LEU B 168 -20.76 -4.72 -8.14
C LEU B 168 -20.41 -5.35 -6.79
N ILE B 169 -20.64 -4.62 -5.71
CA ILE B 169 -20.24 -5.10 -4.38
C ILE B 169 -21.25 -6.08 -3.80
N PHE B 170 -22.55 -5.81 -3.95
CA PHE B 170 -23.59 -6.56 -3.29
C PHE B 170 -24.51 -7.38 -4.20
N GLY B 171 -24.36 -7.18 -5.51
CA GLY B 171 -25.15 -7.90 -6.52
C GLY B 171 -24.47 -9.16 -7.03
N ASP B 172 -24.97 -9.65 -8.18
CA ASP B 172 -24.74 -11.01 -8.67
C ASP B 172 -23.83 -11.02 -9.89
N THR B 173 -23.35 -9.86 -10.38
CA THR B 173 -22.59 -9.84 -11.61
C THR B 173 -21.17 -10.42 -11.44
N LEU B 174 -20.56 -10.32 -10.24
CA LEU B 174 -19.28 -10.95 -10.04
C LEU B 174 -19.50 -12.21 -9.21
N THR B 175 -18.57 -13.18 -9.41
CA THR B 175 -18.60 -14.36 -8.58
C THR B 175 -18.43 -13.95 -7.12
N TYR B 176 -18.87 -14.84 -6.19
CA TYR B 176 -18.61 -14.69 -4.76
C TYR B 176 -17.11 -14.45 -4.52
N LYS B 177 -16.28 -15.20 -5.24
CA LYS B 177 -14.84 -15.08 -5.02
C LYS B 177 -14.32 -13.71 -5.43
N SER B 178 -14.76 -13.26 -6.59
CA SER B 178 -14.30 -11.96 -7.10
C SER B 178 -14.89 -10.81 -6.29
N LYS B 179 -16.17 -10.94 -5.86
CA LYS B 179 -16.80 -9.93 -5.01
C LYS B 179 -16.00 -9.77 -3.73
N GLY B 180 -15.58 -10.87 -3.14
CA GLY B 180 -14.83 -10.82 -1.87
C GLY B 180 -13.47 -10.21 -2.05
N GLN B 181 -12.80 -10.57 -3.16
CA GLN B 181 -11.52 -9.98 -3.47
C GLN B 181 -11.62 -8.46 -3.66
N LEU B 182 -12.62 -8.02 -4.44
CA LEU B 182 -12.84 -6.59 -4.62
C LEU B 182 -13.10 -5.87 -3.32
N ARG B 183 -13.99 -6.44 -2.50
CA ARG B 183 -14.29 -5.83 -1.23
C ARG B 183 -13.04 -5.72 -0.35
N ARG B 184 -12.30 -6.80 -0.19
CA ARG B 184 -11.14 -6.73 0.70
C ARG B 184 -10.08 -5.76 0.14
N LEU B 185 -9.97 -5.63 -1.17
CA LEU B 185 -9.06 -4.64 -1.72
C LEU B 185 -9.54 -3.23 -1.38
N LEU B 186 -10.82 -2.95 -1.56
CA LEU B 186 -11.33 -1.63 -1.24
C LEU B 186 -11.23 -1.28 0.25
N ILE B 187 -11.46 -2.25 1.09
CA ILE B 187 -11.34 -2.00 2.53
C ILE B 187 -9.89 -1.60 2.84
N GLY B 188 -8.90 -2.22 2.16
CA GLY B 188 -7.51 -1.83 2.37
C GLY B 188 -6.98 -0.63 1.59
N ASN B 189 -7.88 0.04 0.86
CA ASN B 189 -7.48 1.26 0.21
C ASN B 189 -6.64 2.12 1.17
N GLN B 190 -5.59 2.75 0.64
CA GLN B 190 -4.71 3.56 1.46
C GLN B 190 -4.91 5.07 1.32
N THR B 191 -5.83 5.49 0.42
CA THR B 191 -5.95 6.91 0.16
C THR B 191 -7.20 7.59 0.73
N GLY B 192 -8.04 6.81 1.41
CA GLY B 192 -9.34 7.28 1.88
C GLY B 192 -9.52 7.46 3.38
N ASP B 193 -8.42 7.46 4.15
CA ASP B 193 -8.60 7.55 5.56
C ASP B 193 -9.15 8.89 6.04
N LYS B 194 -9.01 9.96 5.25
CA LYS B 194 -9.50 11.25 5.67
C LYS B 194 -10.79 11.67 4.92
N THR B 195 -11.32 10.79 4.06
CA THR B 195 -12.51 11.10 3.26
C THR B 195 -13.70 10.38 3.89
N ILE B 196 -14.48 9.61 3.13
CA ILE B 196 -15.71 9.05 3.68
C ILE B 196 -15.48 8.34 5.00
N ARG B 197 -14.46 7.51 5.05
CA ARG B 197 -14.20 6.68 6.23
C ARG B 197 -14.08 7.52 7.48
N ALA B 198 -13.52 8.72 7.34
CA ALA B 198 -13.32 9.59 8.49
C ALA B 198 -14.66 10.04 9.10
N GLY B 199 -15.75 9.96 8.35
CA GLY B 199 -17.05 10.33 8.88
C GLY B 199 -17.91 9.18 9.39
N LEU B 200 -17.42 7.95 9.28
CA LEU B 200 -18.17 6.79 9.68
C LEU B 200 -17.51 6.22 10.93
N PRO B 201 -18.23 5.53 11.79
CA PRO B 201 -17.58 4.92 12.95
C PRO B 201 -16.65 3.79 12.54
N ASP B 202 -15.65 3.58 13.40
CA ASP B 202 -14.62 2.56 13.24
C ASP B 202 -15.18 1.15 13.21
N SER B 203 -16.36 0.95 13.77
CA SER B 203 -17.01 -0.35 13.84
C SER B 203 -17.72 -0.76 12.54
N TRP B 204 -17.90 0.20 11.63
CA TRP B 204 -18.52 -0.08 10.32
C TRP B 204 -17.46 -0.54 9.34
N VAL B 205 -17.74 -1.62 8.59
CA VAL B 205 -16.82 -2.02 7.56
C VAL B 205 -16.94 -1.03 6.44
N THR B 206 -15.84 -0.49 5.93
CA THR B 206 -15.92 0.45 4.85
C THR B 206 -14.81 0.14 3.85
N GLY B 207 -15.15 0.23 2.56
CA GLY B 207 -14.15 0.17 1.53
C GLY B 207 -14.43 1.25 0.52
N ASP B 208 -13.38 1.82 -0.10
CA ASP B 208 -13.62 3.04 -0.87
C ASP B 208 -12.59 3.15 -1.99
N LYS B 209 -12.96 4.00 -2.98
CA LYS B 209 -12.04 4.49 -3.97
C LYS B 209 -12.18 5.99 -4.10
N THR B 210 -11.08 6.69 -3.92
CA THR B 210 -11.01 8.17 -3.98
C THR B 210 -10.76 8.60 -5.45
N GLY B 211 -10.96 9.90 -5.69
CA GLY B 211 -10.52 10.57 -6.91
C GLY B 211 -10.20 12.02 -6.63
N SER B 212 -9.24 12.49 -7.37
CA SER B 212 -8.66 13.81 -7.23
C SER B 212 -8.48 14.34 -8.66
N CYS B 213 -8.94 15.54 -8.96
CA CYS B 213 -8.69 16.05 -10.29
C CYS B 213 -8.44 17.57 -10.32
N ALA B 214 -8.24 18.08 -11.54
CA ALA B 214 -8.02 19.50 -11.73
C ALA B 214 -9.28 20.27 -11.33
N ASN B 215 -9.14 21.61 -11.20
CA ASN B 215 -10.27 22.50 -10.91
C ASN B 215 -10.90 22.20 -9.56
N GLY B 216 -10.11 21.60 -8.61
CA GLY B 216 -10.62 21.45 -7.25
C GLY B 216 -11.49 20.21 -7.06
N GLY B 217 -11.46 19.27 -8.00
CA GLY B 217 -12.23 18.05 -7.92
C GLY B 217 -11.64 17.09 -6.88
N ARG B 218 -12.55 16.52 -6.08
CA ARG B 218 -12.21 15.64 -5.00
C ARG B 218 -13.43 14.79 -4.72
N ASN B 219 -13.26 13.48 -4.96
CA ASN B 219 -14.34 12.53 -4.96
C ASN B 219 -14.05 11.33 -4.07
N ASP B 220 -15.10 10.64 -3.62
CA ASP B 220 -14.89 9.33 -3.00
C ASP B 220 -16.20 8.56 -3.14
N VAL B 221 -16.09 7.25 -3.42
N VAL B 221 -16.05 7.24 -3.36
CA VAL B 221 -17.23 6.35 -3.35
CA VAL B 221 -17.16 6.29 -3.35
C VAL B 221 -16.86 5.18 -2.43
C VAL B 221 -16.82 5.17 -2.39
N ALA B 222 -17.75 4.84 -1.51
CA ALA B 222 -17.54 3.77 -0.53
C ALA B 222 -18.78 2.91 -0.40
N PHE B 223 -18.51 1.62 -0.13
CA PHE B 223 -19.51 0.75 0.43
C PHE B 223 -19.28 0.71 1.95
N PHE B 224 -20.32 0.54 2.71
CA PHE B 224 -20.15 0.22 4.12
C PHE B 224 -21.26 -0.69 4.62
N ILE B 225 -20.95 -1.31 5.77
CA ILE B 225 -21.80 -2.26 6.41
C ILE B 225 -21.85 -1.85 7.87
N THR B 226 -23.04 -1.58 8.34
CA THR B 226 -23.23 -1.13 9.72
C THR B 226 -23.17 -2.34 10.67
N THR B 227 -23.21 -2.07 11.96
CA THR B 227 -23.03 -3.19 12.89
C THR B 227 -24.30 -4.07 12.92
N ALA B 228 -25.44 -3.47 12.55
CA ALA B 228 -26.64 -4.24 12.31
C ALA B 228 -26.61 -5.14 11.07
N GLY B 229 -25.57 -4.98 10.25
CA GLY B 229 -25.35 -5.78 9.06
C GLY B 229 -26.08 -5.23 7.84
N LYS B 230 -26.50 -3.98 7.91
CA LYS B 230 -27.11 -3.33 6.76
C LYS B 230 -26.04 -2.74 5.86
N LYS B 231 -26.32 -2.80 4.57
CA LYS B 231 -25.34 -2.54 3.52
C LYS B 231 -25.77 -1.34 2.68
N TYR B 232 -24.79 -0.46 2.44
CA TYR B 232 -25.00 0.78 1.76
C TYR B 232 -23.83 1.12 0.84
N VAL B 233 -24.11 2.06 -0.08
CA VAL B 233 -23.06 2.74 -0.80
C VAL B 233 -23.32 4.25 -0.69
N LEU B 234 -22.22 4.98 -0.56
CA LEU B 234 -22.22 6.43 -0.51
C LEU B 234 -21.26 6.94 -1.54
N SER B 235 -21.75 7.76 -2.50
N SER B 235 -21.79 7.84 -2.38
CA SER B 235 -20.84 8.37 -3.46
CA SER B 235 -21.06 8.46 -3.47
C SER B 235 -20.87 9.87 -3.20
C SER B 235 -20.90 9.93 -3.10
N VAL B 236 -19.68 10.49 -3.17
CA VAL B 236 -19.49 11.91 -2.92
C VAL B 236 -18.54 12.49 -3.96
N TYR B 237 -19.07 13.46 -4.76
CA TYR B 237 -18.34 14.16 -5.81
C TYR B 237 -18.35 15.62 -5.44
N THR B 238 -17.15 16.25 -5.47
CA THR B 238 -17.08 17.65 -5.08
C THR B 238 -16.12 18.42 -5.99
N ASN B 239 -16.43 19.70 -6.20
CA ASN B 239 -15.52 20.65 -6.83
C ASN B 239 -15.40 21.81 -5.83
N ALA B 240 -14.18 21.99 -5.32
CA ALA B 240 -13.97 22.92 -4.22
C ALA B 240 -12.66 23.62 -4.50
N PRO B 241 -12.60 24.39 -5.60
CA PRO B 241 -11.40 25.12 -5.96
C PRO B 241 -10.86 26.06 -4.89
N GLU B 242 -11.71 26.53 -3.98
CA GLU B 242 -11.25 27.52 -3.00
C GLU B 242 -10.60 26.87 -1.78
N LEU B 243 -10.78 25.57 -1.60
CA LEU B 243 -10.26 24.89 -0.43
C LEU B 243 -8.85 24.41 -0.73
N GLN B 244 -8.05 24.26 0.33
CA GLN B 244 -6.79 23.53 0.30
C GLN B 244 -7.09 22.03 0.31
N GLY B 245 -6.09 21.23 -0.03
CA GLY B 245 -6.25 19.80 -0.15
C GLY B 245 -6.90 19.17 1.08
N GLU B 246 -6.38 19.47 2.28
CA GLU B 246 -6.83 18.85 3.54
C GLU B 246 -8.28 19.23 3.83
N GLU B 247 -8.64 20.45 3.42
CA GLU B 247 -10.02 20.91 3.59
C GLU B 247 -10.92 20.17 2.59
N ARG B 248 -10.41 19.77 1.40
CA ARG B 248 -11.25 19.05 0.43
C ARG B 248 -11.59 17.68 0.99
N ALA B 249 -10.61 17.07 1.65
CA ALA B 249 -10.90 15.78 2.25
C ALA B 249 -11.90 15.94 3.42
N LEU B 250 -11.71 16.97 4.27
CA LEU B 250 -12.65 17.23 5.37
C LEU B 250 -14.08 17.49 4.89
N LEU B 251 -14.23 18.10 3.73
CA LEU B 251 -15.55 18.31 3.18
C LEU B 251 -16.23 16.97 2.90
N ILE B 252 -15.52 16.03 2.27
CA ILE B 252 -16.06 14.71 2.02
C ILE B 252 -16.38 14.01 3.35
N ALA B 253 -15.47 14.07 4.31
CA ALA B 253 -15.77 13.45 5.60
C ALA B 253 -17.02 14.03 6.26
N SER B 254 -17.21 15.36 6.17
CA SER B 254 -18.38 16.03 6.69
C SER B 254 -19.65 15.54 6.02
N VAL B 255 -19.60 15.29 4.71
CA VAL B 255 -20.74 14.71 4.02
C VAL B 255 -21.05 13.32 4.60
N ALA B 256 -19.99 12.52 4.76
CA ALA B 256 -20.21 11.18 5.26
C ALA B 256 -20.75 11.21 6.67
N LYS B 257 -20.31 12.18 7.48
CA LYS B 257 -20.82 12.30 8.85
C LYS B 257 -22.35 12.57 8.84
N LEU B 258 -22.82 13.38 7.88
CA LEU B 258 -24.23 13.63 7.75
C LEU B 258 -24.94 12.36 7.30
N ALA B 259 -24.31 11.58 6.40
CA ALA B 259 -24.90 10.32 5.99
C ALA B 259 -24.99 9.36 7.17
N ARG B 260 -23.95 9.34 8.04
CA ARG B 260 -23.96 8.49 9.21
C ARG B 260 -25.18 8.85 10.08
N GLN B 261 -25.38 10.17 10.30
CA GLN B 261 -26.42 10.61 11.22
C GLN B 261 -27.75 10.10 10.64
N TYR B 262 -27.83 10.08 9.30
CA TYR B 262 -29.06 9.70 8.69
C TYR B 262 -29.31 8.20 8.83
N VAL B 263 -28.27 7.39 8.54
CA VAL B 263 -28.35 5.92 8.60
C VAL B 263 -28.72 5.44 10.00
N VAL B 264 -28.12 6.05 11.01
CA VAL B 264 -28.44 5.72 12.39
C VAL B 264 -29.93 5.93 12.68
N HIS B 265 -30.48 7.05 12.22
CA HIS B 265 -31.90 7.34 12.37
C HIS B 265 -32.73 6.24 11.67
N ALA B 266 -32.41 5.97 10.39
CA ALA B 266 -33.10 5.01 9.52
C ALA B 266 -33.14 3.66 10.23
N HIS B 267 -31.99 3.24 10.73
CA HIS B 267 -31.93 2.01 11.51
C HIS B 267 -32.79 2.23 12.76
C1 EDO C . 23.36 -23.50 9.46
O1 EDO C . 23.48 -22.53 8.43
C2 EDO C . 23.93 -23.09 10.78
O2 EDO C . 23.00 -23.26 11.84
H11 EDO C . 23.81 -24.33 9.17
H12 EDO C . 22.40 -23.72 9.59
HO1 EDO C . 23.12 -23.11 7.88
H21 EDO C . 24.19 -22.15 10.73
H22 EDO C . 24.73 -23.62 10.96
HO2 EDO C . 22.91 -24.08 12.01
C1 PGE D . -3.53 -23.72 12.54
O1 PGE D . -3.78 -22.64 13.38
C2 PGE D . -2.60 -23.31 11.48
O2 PGE D . -2.68 -24.26 10.43
C3 PGE D . -2.50 -23.69 9.12
C4 PGE D . -3.01 -24.60 8.06
O4 PGE D . -2.70 -25.47 4.32
C6 PGE D . -2.57 -26.18 5.51
C5 PGE D . -1.57 -25.56 6.40
O3 PGE D . -2.02 -25.59 7.76
H1 PGE D . -4.37 -24.03 12.15
H12 PGE D . -3.14 -24.45 13.06
HO1 PGE D . -4.25 -22.98 14.15
H2 PGE D . -1.69 -23.28 11.83
H22 PGE D . -2.84 -22.42 11.15
H3 PGE D . -1.55 -23.52 8.97
H32 PGE D . -2.97 -22.82 9.07
H4 PGE D . -3.23 -24.09 7.25
H42 PGE D . -3.82 -25.05 8.37
HO4 PGE D . -2.00 -25.57 3.85
H6 PGE D . -2.31 -27.10 5.32
H62 PGE D . -3.44 -26.21 5.96
H5 PGE D . -1.41 -24.63 6.12
H52 PGE D . -0.72 -26.04 6.33
C1 EDO E . 26.04 5.98 23.29
O1 EDO E . 26.09 6.27 24.71
C2 EDO E . 25.33 7.02 22.45
O2 EDO E . 24.75 6.55 21.22
H11 EDO E . 25.59 5.12 23.15
H12 EDO E . 26.96 5.90 22.96
HO1 EDO E . 26.73 5.60 24.87
H21 EDO E . 25.97 7.73 22.25
H22 EDO E . 24.61 7.40 23.00
HO2 EDO E . 25.33 6.11 20.79
C1 EDO F . 20.97 -0.12 20.34
O1 EDO F . 19.90 -0.59 21.16
C2 EDO F . 21.97 -1.11 20.00
O2 EDO F . 22.58 -1.80 21.08
H11 EDO F . 21.41 0.62 20.81
H12 EDO F . 20.59 0.24 19.52
HO1 EDO F . 19.38 0.00 21.29
H21 EDO F . 22.69 -0.65 19.50
H22 EDO F . 21.56 -1.77 19.40
HO2 EDO F . 21.97 -2.11 21.59
C1 IPA G . 19.35 -18.04 21.44
C2 IPA G . 20.37 -17.33 20.59
C3 IPA G . 21.79 -17.92 20.57
O2 IPA G . 20.39 -15.93 21.01
H11 IPA G . 19.52 -17.86 22.38
H12 IPA G . 19.40 -19.00 21.29
H13 IPA G . 18.46 -17.73 21.21
H2 IPA G . 20.03 -17.35 19.66
H31 IPA G . 22.45 -17.21 20.50
H32 IPA G . 21.88 -18.53 19.82
H33 IPA G . 21.95 -18.41 21.40
HO2 IPA G . 19.64 -15.59 20.83
C ACT H . 7.11 4.17 8.74
O ACT H . 8.26 3.84 8.56
OXT ACT H . 6.63 5.26 8.47
CH3 ACT H . 6.21 3.14 9.26
H1 ACT H . 6.73 2.41 9.64
H2 ACT H . 5.64 2.80 8.55
H3 ACT H . 5.65 3.52 9.97
CL CL I . -1.99 4.04 11.93
MG MG J . -9.50 14.03 -0.50
MG MG K . -7.07 -10.73 -8.80
MG MG L . -2.72 10.56 -4.26
MG MG M . -6.23 9.49 -7.19
CL CL N . -7.43 -9.59 -7.04
CL CL O . -4.63 10.10 -4.70
CL CL P . -6.96 9.54 -5.62
#